data_3CV1
#
_entry.id   3CV1
#
_cell.length_a   52.031
_cell.length_b   74.124
_cell.length_c   71.917
_cell.angle_alpha   90.00
_cell.angle_beta   97.82
_cell.angle_gamma   90.00
#
_symmetry.space_group_name_H-M   'P 1 21 1'
#
loop_
_entity.id
_entity.type
_entity.pdbx_description
1 polymer 'Malate synthase A'
2 non-polymer 'CALCIUM ION'
3 non-polymer 'ACETATE ION'
4 non-polymer GLYCEROL
5 water water
#
_entity_poly.entity_id   1
_entity_poly.type   'polypeptide(L)'
_entity_poly.pdbx_seq_one_letter_code
;TEQATTTDELAFTRPYGEQEKQILTAEAVEFLTELVTHFTPQRNKLLAARIQQQQDIDNGTLPDFISETASIRDADWKIR
GIPADLEDRRVEITGPVERKMVINALNANVKVFMADFEDSLAPDWNKVIDGQINLRDAVNGTISYTNEAGKIYQLKPNPA
VLICRVRGLHLPEKHVTWRGEAIPGSLFDFALYFFHNYQALLAKGSGPYFYLPKTQSWQEAAWWSEVFSYAEDRFNLPRG
TIKATLLIETLPAVFQMDEILHALRDHIVGLNCGRWDYIFSYIKTLKNYPDRVLPDRQAVTMDKPFLNAYSRLLIKTCHK
RGAFAMGGMAAFIPSKDEEHNNQVLNKVKADKSLEANNGHDGTWIAHPGLADTAMAVFNDILGSRKNQLEVMREQDAPIT
ADQLLAPCDGERTEEGMRANIRVAVQYIEAWISGNGCVPIYGLMEDAATAEISRTSIWQWIHHQKTLSNGKPVTKALFRQ
MLGEEMKVIASELGEERFSQGRFDDAARLMEQITTSDELIDFLTLPGYRLLA
;
_entity_poly.pdbx_strand_id   A
#
# COMPACT_ATOMS: atom_id res chain seq x y z
C GLN A 3 -9.23 3.25 37.66
N ALA A 4 -8.74 2.76 36.52
CA ALA A 4 -8.85 3.48 35.24
C ALA A 4 -10.32 3.76 34.88
N THR A 5 -10.58 4.88 34.19
CA THR A 5 -11.97 5.21 33.87
C THR A 5 -12.53 4.34 32.73
N THR A 6 -13.86 4.19 32.70
CA THR A 6 -14.58 3.45 31.67
C THR A 6 -15.01 4.40 30.53
N THR A 7 -14.24 5.45 30.30
CA THR A 7 -14.65 6.48 29.32
C THR A 7 -14.90 5.93 27.91
N ASP A 8 -15.95 6.44 27.30
CA ASP A 8 -16.24 6.21 25.87
C ASP A 8 -16.02 7.48 25.04
N GLU A 9 -15.12 8.34 25.53
CA GLU A 9 -14.78 9.58 24.82
C GLU A 9 -13.31 9.56 24.37
N LEU A 10 -13.01 10.40 23.38
CA LEU A 10 -11.63 10.56 22.90
C LEU A 10 -10.91 11.76 23.52
N ALA A 11 -9.58 11.72 23.47
CA ALA A 11 -8.73 12.86 23.84
C ALA A 11 -7.88 13.26 22.63
N PHE A 12 -7.58 14.55 22.54
CA PHE A 12 -6.84 15.12 21.40
C PHE A 12 -5.59 15.81 21.90
N THR A 13 -4.45 15.56 21.26
CA THR A 13 -3.18 16.07 21.78
C THR A 13 -2.73 17.38 21.12
N ARG A 14 -3.31 17.70 19.96
CA ARG A 14 -2.93 18.89 19.19
C ARG A 14 -3.95 20.02 19.43
N PRO A 15 -3.50 21.29 19.29
CA PRO A 15 -4.41 22.44 19.39
C PRO A 15 -5.50 22.38 18.33
N TYR A 16 -6.68 22.85 18.71
CA TYR A 16 -7.82 22.87 17.83
C TYR A 16 -7.74 24.18 17.04
N GLY A 17 -6.93 24.18 15.98
CA GLY A 17 -6.76 25.33 15.09
C GLY A 17 -7.74 25.35 13.93
N GLU A 18 -7.50 26.23 12.97
CA GLU A 18 -8.48 26.42 11.88
C GLU A 18 -8.69 25.14 11.06
N GLN A 19 -7.61 24.44 10.75
CA GLN A 19 -7.67 23.19 9.99
CA GLN A 19 -7.75 23.22 9.96
C GLN A 19 -8.47 22.11 10.73
N GLU A 20 -8.19 21.97 12.03
CA GLU A 20 -8.90 20.98 12.85
C GLU A 20 -10.40 21.34 12.98
N LYS A 21 -10.69 22.64 13.05
CA LYS A 21 -12.07 23.11 13.09
C LYS A 21 -12.88 22.70 11.86
N GLN A 22 -12.22 22.63 10.70
CA GLN A 22 -12.87 22.19 9.45
C GLN A 22 -13.17 20.68 9.47
N ILE A 23 -12.16 19.92 9.87
CA ILE A 23 -12.22 18.45 9.74
C ILE A 23 -12.79 17.74 10.98
N LEU A 24 -12.35 18.18 12.15
CA LEU A 24 -12.80 17.61 13.42
C LEU A 24 -13.92 18.45 14.01
N THR A 25 -15.02 18.55 13.26
CA THR A 25 -16.25 19.19 13.74
C THR A 25 -16.88 18.36 14.85
N ALA A 26 -17.82 18.96 15.60
CA ALA A 26 -18.55 18.22 16.63
C ALA A 26 -19.13 16.92 16.07
N GLU A 27 -19.77 17.01 14.90
CA GLU A 27 -20.45 15.85 14.33
C GLU A 27 -19.42 14.79 13.89
N ALA A 28 -18.34 15.25 13.26
CA ALA A 28 -17.30 14.32 12.78
C ALA A 28 -16.69 13.60 13.98
N VAL A 29 -16.38 14.35 15.03
CA VAL A 29 -15.78 13.76 16.25
C VAL A 29 -16.72 12.79 16.96
N GLU A 30 -18.01 13.11 17.02
CA GLU A 30 -19.00 12.16 17.54
C GLU A 30 -18.98 10.81 16.79
N PHE A 31 -18.99 10.88 15.47
CA PHE A 31 -18.96 9.67 14.64
C PHE A 31 -17.66 8.87 14.84
N LEU A 32 -16.52 9.56 14.72
CA LEU A 32 -15.22 8.97 14.97
C LEU A 32 -15.16 8.28 16.35
N THR A 33 -15.71 8.95 17.37
CA THR A 33 -15.73 8.38 18.75
C THR A 33 -16.48 7.05 18.75
N GLU A 34 -17.65 7.02 18.10
CA GLU A 34 -18.45 5.79 18.01
C GLU A 34 -17.69 4.64 17.36
N LEU A 35 -17.04 4.92 16.24
CA LEU A 35 -16.26 3.88 15.55
C LEU A 35 -15.13 3.36 16.42
N VAL A 36 -14.38 4.28 17.03
CA VAL A 36 -13.25 3.91 17.87
C VAL A 36 -13.70 3.00 19.03
N THR A 37 -14.69 3.43 19.79
CA THR A 37 -15.12 2.62 20.95
C THR A 37 -15.74 1.27 20.54
N HIS A 38 -16.48 1.26 19.42
CA HIS A 38 -17.13 0.01 18.94
C HIS A 38 -16.14 -0.99 18.34
N PHE A 39 -15.10 -0.51 17.66
CA PHE A 39 -14.25 -1.36 16.82
C PHE A 39 -12.79 -1.53 17.23
N THR A 40 -12.27 -0.64 18.07
CA THR A 40 -10.87 -0.75 18.50
C THR A 40 -10.53 -2.06 19.28
N PRO A 41 -11.38 -2.46 20.26
CA PRO A 41 -11.08 -3.75 20.94
C PRO A 41 -10.88 -4.92 19.99
N GLN A 42 -11.79 -5.08 19.02
CA GLN A 42 -11.61 -6.18 18.05
C GLN A 42 -10.34 -5.99 17.20
N ARG A 43 -10.06 -4.75 16.81
CA ARG A 43 -8.83 -4.47 16.05
C ARG A 43 -7.60 -4.92 16.83
N ASN A 44 -7.58 -4.60 18.13
CA ASN A 44 -6.49 -5.05 19.01
C ASN A 44 -6.41 -6.57 19.13
N LYS A 45 -7.57 -7.23 19.17
CA LYS A 45 -7.61 -8.70 19.21
C LYS A 45 -7.05 -9.26 17.89
N LEU A 46 -7.35 -8.61 16.77
CA LEU A 46 -6.80 -9.05 15.48
C LEU A 46 -5.27 -8.93 15.44
N LEU A 47 -4.74 -7.84 16.02
CA LEU A 47 -3.27 -7.65 16.08
C LEU A 47 -2.65 -8.75 16.95
N ALA A 48 -3.30 -9.09 18.05
CA ALA A 48 -2.83 -10.17 18.93
C ALA A 48 -2.89 -11.53 18.24
N ALA A 49 -3.96 -11.77 17.44
CA ALA A 49 -4.07 -13.02 16.66
C ALA A 49 -2.91 -13.15 15.66
N ARG A 50 -2.49 -12.03 15.05
CA ARG A 50 -1.35 -12.02 14.13
C ARG A 50 -0.09 -12.62 14.78
N ILE A 51 0.13 -12.24 16.04
CA ILE A 51 1.30 -12.71 16.79
C ILE A 51 1.26 -14.23 16.94
N GLN A 52 0.09 -14.74 17.34
CA GLN A 52 -0.10 -16.19 17.53
C GLN A 52 0.08 -16.98 16.23
N GLN A 53 -0.50 -16.47 15.14
CA GLN A 53 -0.33 -17.14 13.83
C GLN A 53 1.12 -17.16 13.39
N GLN A 54 1.83 -16.05 13.62
CA GLN A 54 3.23 -15.95 13.19
C GLN A 54 4.09 -16.94 13.97
N GLN A 55 3.85 -17.02 15.27
CA GLN A 55 4.58 -17.99 16.12
C GLN A 55 4.44 -19.42 15.63
N ASP A 56 3.23 -19.81 15.22
CA ASP A 56 3.00 -21.16 14.69
C ASP A 56 3.79 -21.40 13.40
N ILE A 57 3.86 -20.38 12.55
CA ILE A 57 4.73 -20.46 11.37
C ILE A 57 6.22 -20.55 11.73
N ASP A 58 6.69 -19.66 12.61
CA ASP A 58 8.07 -19.72 13.11
C ASP A 58 8.38 -21.13 13.59
N ASN A 59 7.39 -21.76 14.26
CA ASN A 59 7.59 -23.07 14.88
C ASN A 59 7.54 -24.25 13.91
N GLY A 60 7.52 -23.94 12.60
CA GLY A 60 7.75 -24.95 11.57
C GLY A 60 6.56 -25.43 10.78
N THR A 61 5.38 -24.82 10.96
CA THR A 61 4.25 -25.22 10.14
C THR A 61 3.99 -24.13 9.09
N LEU A 62 4.26 -24.47 7.84
CA LEU A 62 4.15 -23.53 6.72
C LEU A 62 2.68 -23.21 6.46
N PRO A 63 2.39 -21.99 5.97
CA PRO A 63 0.98 -21.70 5.67
C PRO A 63 0.46 -22.51 4.47
N ASP A 64 -0.83 -22.70 4.46
CA ASP A 64 -1.52 -23.39 3.37
C ASP A 64 -2.95 -22.87 3.40
N PHE A 65 -3.76 -23.34 2.46
CA PHE A 65 -5.19 -23.02 2.46
C PHE A 65 -5.89 -23.52 3.74
N ILE A 66 -7.05 -22.97 4.00
CA ILE A 66 -7.79 -23.29 5.20
C ILE A 66 -8.71 -24.51 4.97
N SER A 67 -8.56 -25.56 5.77
CA SER A 67 -9.37 -26.74 5.49
C SER A 67 -10.87 -26.52 5.81
N GLU A 68 -11.20 -25.92 6.95
CA GLU A 68 -12.61 -25.84 7.39
C GLU A 68 -13.55 -25.07 6.46
N THR A 69 -13.02 -24.08 5.74
CA THR A 69 -13.82 -23.22 4.86
C THR A 69 -13.88 -23.76 3.41
N ALA A 70 -13.56 -25.04 3.22
CA ALA A 70 -13.62 -25.66 1.90
C ALA A 70 -14.96 -25.44 1.19
N SER A 71 -16.05 -25.46 1.95
CA SER A 71 -17.39 -25.35 1.39
C SER A 71 -17.63 -23.98 0.73
N ILE A 72 -17.00 -22.94 1.28
CA ILE A 72 -17.07 -21.58 0.71
C ILE A 72 -16.34 -21.54 -0.64
N ARG A 73 -15.13 -22.09 -0.65
CA ARG A 73 -14.32 -22.05 -1.85
C ARG A 73 -14.93 -22.84 -3.00
N ASP A 74 -15.62 -23.94 -2.67
CA ASP A 74 -16.15 -24.85 -3.70
C ASP A 74 -17.65 -24.64 -3.96
N ALA A 75 -18.15 -23.48 -3.55
CA ALA A 75 -19.51 -23.05 -3.86
C ALA A 75 -19.47 -21.91 -4.88
N ASP A 76 -20.56 -21.77 -5.63
CA ASP A 76 -20.78 -20.65 -6.54
C ASP A 76 -21.43 -19.52 -5.76
N TRP A 77 -20.87 -18.32 -5.92
CA TRP A 77 -21.36 -17.09 -5.32
C TRP A 77 -20.48 -15.97 -5.84
N LYS A 78 -21.03 -14.76 -5.82
CA LYS A 78 -20.32 -13.58 -6.29
C LYS A 78 -20.45 -12.45 -5.28
N ILE A 79 -19.58 -11.46 -5.44
CA ILE A 79 -19.65 -10.22 -4.64
C ILE A 79 -20.99 -9.51 -4.92
N ARG A 80 -21.40 -8.62 -4.00
CA ARG A 80 -22.69 -7.93 -4.15
C ARG A 80 -22.78 -7.16 -5.46
N GLY A 81 -21.72 -6.43 -5.80
CA GLY A 81 -21.76 -5.70 -7.06
C GLY A 81 -20.73 -4.60 -7.15
N ILE A 82 -20.64 -4.02 -8.35
CA ILE A 82 -19.67 -3.00 -8.66
C ILE A 82 -20.45 -1.81 -9.22
N PRO A 83 -20.23 -0.60 -8.65
CA PRO A 83 -20.96 0.56 -9.21
C PRO A 83 -20.48 0.95 -10.60
N ALA A 84 -21.32 1.67 -11.34
CA ALA A 84 -20.99 2.01 -12.73
C ALA A 84 -19.61 2.64 -12.92
N ASP A 85 -19.24 3.58 -12.05
CA ASP A 85 -17.97 4.28 -12.23
C ASP A 85 -16.72 3.48 -11.80
N LEU A 86 -16.93 2.24 -11.36
CA LEU A 86 -15.82 1.34 -11.04
C LEU A 86 -15.74 0.11 -11.99
N GLU A 87 -16.51 0.15 -13.09
CA GLU A 87 -16.54 -0.95 -14.06
C GLU A 87 -15.39 -0.90 -15.06
N ASP A 88 -14.72 0.26 -15.12
CA ASP A 88 -13.54 0.42 -15.99
C ASP A 88 -12.45 1.08 -15.15
N ARG A 89 -11.42 0.30 -14.82
CA ARG A 89 -10.34 0.78 -13.98
C ARG A 89 -9.00 0.41 -14.60
N ARG A 90 -8.93 0.46 -15.94
CA ARG A 90 -7.76 -0.07 -16.67
C ARG A 90 -6.42 0.52 -16.22
N VAL A 91 -6.39 1.81 -15.91
CA VAL A 91 -5.22 2.40 -15.27
C VAL A 91 -5.64 3.26 -14.09
N GLU A 92 -4.92 3.11 -12.98
CA GLU A 92 -5.13 3.99 -11.83
C GLU A 92 -3.80 4.62 -11.51
N ILE A 93 -3.83 5.90 -11.10
CA ILE A 93 -2.62 6.56 -10.61
C ILE A 93 -2.72 6.65 -9.09
N THR A 94 -1.59 6.49 -8.41
CA THR A 94 -1.52 6.61 -6.94
C THR A 94 -0.73 7.86 -6.58
N GLY A 95 -0.98 8.38 -5.39
CA GLY A 95 -0.11 9.43 -4.89
C GLY A 95 -0.59 10.06 -3.62
N PRO A 96 0.23 11.01 -3.11
CA PRO A 96 0.03 11.79 -1.89
C PRO A 96 -1.24 12.60 -1.87
N VAL A 97 -1.71 12.90 -0.65
CA VAL A 97 -2.89 13.74 -0.43
C VAL A 97 -2.54 15.23 -0.35
N GLU A 98 -1.31 15.60 -0.73
CA GLU A 98 -0.92 17.00 -0.84
C GLU A 98 -1.71 17.70 -1.96
N ARG A 99 -2.00 18.98 -1.76
CA ARG A 99 -3.00 19.71 -2.58
C ARG A 99 -2.69 19.69 -4.07
N LYS A 100 -1.50 20.14 -4.46
CA LYS A 100 -1.15 20.20 -5.87
C LYS A 100 -1.15 18.80 -6.51
N MET A 101 -0.60 17.84 -5.78
CA MET A 101 -0.53 16.46 -6.28
CA MET A 101 -0.54 16.45 -6.27
C MET A 101 -1.92 15.84 -6.50
N VAL A 102 -2.87 16.16 -5.62
CA VAL A 102 -4.25 15.71 -5.79
C VAL A 102 -4.83 16.22 -7.11
N ILE A 103 -4.67 17.52 -7.36
CA ILE A 103 -5.14 18.12 -8.62
C ILE A 103 -4.49 17.45 -9.83
N ASN A 104 -3.17 17.30 -9.81
CA ASN A 104 -2.45 16.74 -10.97
C ASN A 104 -2.85 15.30 -11.24
N ALA A 105 -3.03 14.52 -10.18
CA ALA A 105 -3.44 13.12 -10.32
C ALA A 105 -4.88 13.03 -10.87
N LEU A 106 -5.78 13.85 -10.35
CA LEU A 106 -7.18 13.80 -10.80
C LEU A 106 -7.29 14.21 -12.28
N ASN A 107 -6.34 15.06 -12.71
CA ASN A 107 -6.26 15.51 -14.10
C ASN A 107 -5.51 14.57 -15.06
N ALA A 108 -4.84 13.53 -14.53
CA ALA A 108 -4.11 12.59 -15.39
C ALA A 108 -5.05 11.79 -16.28
N ASN A 109 -4.54 11.29 -17.40
CA ASN A 109 -5.35 10.48 -18.31
C ASN A 109 -5.48 9.05 -17.79
N VAL A 110 -6.23 8.90 -16.70
CA VAL A 110 -6.43 7.59 -16.06
C VAL A 110 -7.86 7.49 -15.60
N LYS A 111 -8.26 6.29 -15.21
CA LYS A 111 -9.63 6.08 -14.77
C LYS A 111 -9.84 6.52 -13.32
N VAL A 112 -8.83 6.23 -12.48
CA VAL A 112 -8.96 6.35 -11.04
C VAL A 112 -7.69 6.97 -10.46
N PHE A 113 -7.88 7.78 -9.44
CA PHE A 113 -6.79 8.28 -8.59
C PHE A 113 -6.95 7.72 -7.18
N MET A 114 -5.97 6.97 -6.71
CA MET A 114 -5.97 6.54 -5.30
C MET A 114 -5.16 7.55 -4.50
N ALA A 115 -5.86 8.36 -3.71
CA ALA A 115 -5.24 9.31 -2.77
C ALA A 115 -4.74 8.51 -1.56
N ASP A 116 -3.48 8.71 -1.18
CA ASP A 116 -2.83 7.81 -0.22
C ASP A 116 -2.52 8.41 1.14
N PHE A 117 -3.13 7.87 2.19
CA PHE A 117 -2.70 8.18 3.56
C PHE A 117 -1.74 7.11 4.11
N GLU A 118 -1.41 6.12 3.28
CA GLU A 118 -0.63 4.98 3.73
C GLU A 118 0.84 5.11 3.31
N ASP A 119 1.37 4.11 2.57
CA ASP A 119 2.83 3.98 2.41
C ASP A 119 3.55 5.17 1.77
N SER A 120 2.84 5.95 0.96
CA SER A 120 3.48 7.08 0.31
C SER A 120 3.31 8.38 1.13
N LEU A 121 2.70 8.27 2.31
CA LEU A 121 2.56 9.42 3.24
C LEU A 121 3.37 9.24 4.52
N ALA A 122 4.19 10.24 4.86
CA ALA A 122 4.77 10.30 6.21
C ALA A 122 3.65 10.99 7.02
N PRO A 123 3.04 10.23 7.96
CA PRO A 123 1.78 10.68 8.56
C PRO A 123 1.91 11.74 9.67
N ASP A 124 2.58 12.86 9.36
CA ASP A 124 2.49 14.07 10.20
C ASP A 124 1.04 14.49 10.39
N TRP A 125 0.72 14.96 11.60
CA TRP A 125 -0.63 15.44 11.89
C TRP A 125 -1.11 16.48 10.86
N ASN A 126 -0.29 17.50 10.59
CA ASN A 126 -0.69 18.52 9.62
C ASN A 126 -0.95 17.90 8.25
N LYS A 127 -0.15 16.90 7.87
CA LYS A 127 -0.35 16.27 6.56
C LYS A 127 -1.63 15.44 6.48
N VAL A 128 -2.00 14.73 7.56
CA VAL A 128 -3.25 13.97 7.54
C VAL A 128 -4.48 14.91 7.54
N ILE A 129 -4.45 15.95 8.37
CA ILE A 129 -5.51 16.96 8.37
C ILE A 129 -5.63 17.69 7.01
N ASP A 130 -4.51 18.21 6.50
CA ASP A 130 -4.49 18.87 5.18
C ASP A 130 -5.03 17.90 4.11
N GLY A 131 -4.67 16.62 4.26
CA GLY A 131 -5.12 15.61 3.29
C GLY A 131 -6.62 15.51 3.25
N GLN A 132 -7.25 15.47 4.42
CA GLN A 132 -8.72 15.43 4.48
C GLN A 132 -9.34 16.72 3.89
N ILE A 133 -8.72 17.87 4.18
CA ILE A 133 -9.17 19.16 3.60
C ILE A 133 -9.14 19.05 2.07
N ASN A 134 -7.99 18.64 1.54
CA ASN A 134 -7.78 18.51 0.10
C ASN A 134 -8.78 17.58 -0.58
N LEU A 135 -8.98 16.41 0.02
CA LEU A 135 -9.89 15.45 -0.59
C LEU A 135 -11.33 15.96 -0.57
N ARG A 136 -11.70 16.68 0.49
CA ARG A 136 -13.05 17.26 0.56
C ARG A 136 -13.23 18.30 -0.56
N ASP A 137 -12.24 19.17 -0.73
CA ASP A 137 -12.28 20.14 -1.81
C ASP A 137 -12.30 19.45 -3.18
N ALA A 138 -11.60 18.32 -3.29
CA ALA A 138 -11.57 17.56 -4.55
C ALA A 138 -12.96 17.01 -4.87
N VAL A 139 -13.58 16.35 -3.89
CA VAL A 139 -14.93 15.81 -4.05
C VAL A 139 -15.92 16.90 -4.44
N ASN A 140 -15.83 18.04 -3.76
CA ASN A 140 -16.71 19.19 -4.03
C ASN A 140 -16.40 19.95 -5.33
N GLY A 141 -15.28 19.59 -5.96
CA GLY A 141 -14.91 20.12 -7.27
C GLY A 141 -14.25 21.49 -7.26
N THR A 142 -13.95 22.00 -6.07
CA THR A 142 -13.44 23.38 -5.90
C THR A 142 -11.92 23.45 -5.67
N ILE A 143 -11.30 22.30 -5.46
CA ILE A 143 -9.87 22.24 -5.17
C ILE A 143 -9.05 23.03 -6.19
N SER A 144 -8.21 23.92 -5.67
N SER A 144 -8.18 23.90 -5.67
CA SER A 144 -7.35 24.73 -6.53
CA SER A 144 -7.40 24.82 -6.49
C SER A 144 -6.07 25.07 -5.80
C SER A 144 -6.08 25.10 -5.78
N TYR A 145 -5.05 25.39 -6.57
CA TYR A 145 -3.74 25.67 -6.05
C TYR A 145 -3.06 26.67 -6.96
N THR A 146 -2.45 27.70 -6.38
CA THR A 146 -1.63 28.66 -7.14
C THR A 146 -0.19 28.64 -6.64
N ASN A 147 0.75 28.38 -7.54
CA ASN A 147 2.15 28.28 -7.13
C ASN A 147 2.84 29.64 -6.98
N GLU A 148 4.09 29.63 -6.51
CA GLU A 148 4.84 30.85 -6.28
C GLU A 148 4.97 31.68 -7.57
N ALA A 149 5.04 30.98 -8.71
CA ALA A 149 5.16 31.63 -10.03
C ALA A 149 3.83 32.23 -10.54
N GLY A 150 2.75 32.05 -9.77
CA GLY A 150 1.45 32.61 -10.13
C GLY A 150 0.59 31.74 -11.04
N LYS A 151 1.07 30.53 -11.31
CA LYS A 151 0.31 29.57 -12.12
C LYS A 151 -0.78 28.89 -11.29
N ILE A 152 -2.02 28.95 -11.78
CA ILE A 152 -3.15 28.29 -11.10
C ILE A 152 -3.39 26.87 -11.64
N TYR A 153 -3.65 25.95 -10.71
CA TYR A 153 -4.04 24.58 -11.03
C TYR A 153 -5.47 24.34 -10.54
N GLN A 154 -6.29 23.79 -11.43
CA GLN A 154 -7.71 23.53 -11.17
C GLN A 154 -8.10 22.20 -11.81
N LEU A 155 -9.26 21.67 -11.42
CA LEU A 155 -9.72 20.42 -12.04
C LEU A 155 -10.18 20.68 -13.47
N LYS A 156 -9.79 19.77 -14.35
CA LYS A 156 -10.31 19.73 -15.73
C LYS A 156 -11.72 19.13 -15.68
N PRO A 157 -12.49 19.25 -16.78
CA PRO A 157 -13.73 18.49 -16.84
C PRO A 157 -13.47 16.98 -16.77
N ASN A 158 -14.38 16.29 -16.10
CA ASN A 158 -14.36 14.83 -15.99
C ASN A 158 -13.09 14.33 -15.32
N PRO A 159 -12.85 14.73 -14.06
CA PRO A 159 -11.65 14.21 -13.42
C PRO A 159 -11.81 12.73 -13.09
N ALA A 160 -10.69 12.09 -12.76
CA ALA A 160 -10.67 10.67 -12.43
C ALA A 160 -11.51 10.40 -11.17
N VAL A 161 -12.01 9.17 -11.07
CA VAL A 161 -12.74 8.68 -9.88
C VAL A 161 -11.77 8.64 -8.68
N LEU A 162 -12.24 9.11 -7.52
CA LEU A 162 -11.40 9.20 -6.31
C LEU A 162 -11.62 8.01 -5.40
N ILE A 163 -10.53 7.40 -4.96
CA ILE A 163 -10.56 6.32 -3.95
C ILE A 163 -9.52 6.68 -2.89
N CYS A 164 -9.85 6.44 -1.62
CA CYS A 164 -8.98 6.81 -0.50
C CYS A 164 -8.28 5.58 0.08
N ARG A 165 -6.94 5.56 0.08
CA ARG A 165 -6.21 4.49 0.78
C ARG A 165 -5.93 4.87 2.24
N VAL A 166 -6.43 4.05 3.16
CA VAL A 166 -6.27 4.31 4.61
C VAL A 166 -4.98 3.67 5.13
N ARG A 167 -4.53 4.11 6.29
CA ARG A 167 -3.43 3.44 6.98
C ARG A 167 -3.87 2.04 7.40
N GLY A 168 -2.88 1.14 7.44
CA GLY A 168 -3.11 -0.24 7.82
C GLY A 168 -3.37 -0.46 9.30
N LEU A 169 -3.83 -1.69 9.61
CA LEU A 169 -4.33 -2.04 10.95
C LEU A 169 -3.33 -1.85 12.09
N HIS A 170 -2.05 -1.97 11.77
CA HIS A 170 -0.99 -1.88 12.80
C HIS A 170 -0.69 -0.44 13.21
N LEU A 171 -1.14 0.55 12.43
CA LEU A 171 -0.63 1.92 12.63
C LEU A 171 -1.49 2.71 13.61
N PRO A 172 -0.85 3.37 14.59
CA PRO A 172 -1.58 4.28 15.51
C PRO A 172 -1.73 5.68 14.93
N GLU A 173 -2.79 6.39 15.34
CA GLU A 173 -2.85 7.81 15.11
C GLU A 173 -2.62 8.38 16.52
N LYS A 174 -1.38 8.78 16.76
CA LYS A 174 -0.96 9.07 18.14
C LYS A 174 -1.52 10.37 18.72
N HIS A 175 -2.14 11.20 17.85
CA HIS A 175 -2.63 12.52 18.27
C HIS A 175 -4.09 12.48 18.71
N VAL A 176 -4.68 11.29 18.67
CA VAL A 176 -6.04 11.08 19.13
C VAL A 176 -6.02 9.77 19.91
N THR A 177 -6.49 9.83 21.16
CA THR A 177 -6.43 8.67 22.07
C THR A 177 -7.77 8.28 22.67
N TRP A 178 -7.88 7.00 22.99
CA TRP A 178 -9.02 6.49 23.71
C TRP A 178 -8.47 5.69 24.87
N ARG A 179 -8.89 6.03 26.09
CA ARG A 179 -8.38 5.40 27.31
C ARG A 179 -6.84 5.42 27.38
N GLY A 180 -6.26 6.52 26.89
CA GLY A 180 -4.84 6.78 26.95
C GLY A 180 -4.01 6.17 25.83
N GLU A 181 -4.64 5.33 25.00
CA GLU A 181 -3.93 4.67 23.90
C GLU A 181 -4.31 5.29 22.55
N ALA A 182 -3.32 5.40 21.66
CA ALA A 182 -3.54 5.89 20.29
C ALA A 182 -4.66 5.09 19.65
N ILE A 183 -5.57 5.79 18.96
CA ILE A 183 -6.62 5.12 18.20
C ILE A 183 -6.00 4.50 16.90
N PRO A 184 -6.69 3.52 16.29
CA PRO A 184 -6.25 3.01 14.98
C PRO A 184 -6.29 4.08 13.88
N GLY A 185 -5.14 4.33 13.27
CA GLY A 185 -5.07 5.18 12.09
C GLY A 185 -6.07 4.77 11.01
N SER A 186 -6.30 3.45 10.89
CA SER A 186 -7.24 2.94 9.89
C SER A 186 -8.62 3.58 10.08
N LEU A 187 -9.06 3.67 11.34
CA LEU A 187 -10.38 4.22 11.67
C LEU A 187 -10.41 5.73 11.48
N PHE A 188 -9.32 6.39 11.86
CA PHE A 188 -9.22 7.85 11.69
C PHE A 188 -9.38 8.20 10.22
N ASP A 189 -8.55 7.59 9.37
CA ASP A 189 -8.56 7.89 7.92
C ASP A 189 -9.91 7.53 7.26
N PHE A 190 -10.43 6.36 7.60
CA PHE A 190 -11.71 5.92 7.04
C PHE A 190 -12.83 6.87 7.50
N ALA A 191 -12.92 7.11 8.80
CA ALA A 191 -14.07 7.86 9.35
C ALA A 191 -14.22 9.25 8.70
N LEU A 192 -13.09 9.97 8.61
CA LEU A 192 -13.12 11.36 8.18
C LEU A 192 -13.40 11.46 6.66
N TYR A 193 -12.77 10.60 5.87
CA TYR A 193 -13.04 10.64 4.41
C TYR A 193 -14.51 10.29 4.12
N PHE A 194 -14.98 9.19 4.71
CA PHE A 194 -16.39 8.81 4.60
C PHE A 194 -17.33 9.93 5.08
N PHE A 195 -17.15 10.35 6.34
CA PHE A 195 -18.02 11.38 6.92
C PHE A 195 -18.13 12.66 6.07
N HIS A 196 -16.99 13.21 5.66
CA HIS A 196 -17.02 14.52 4.98
C HIS A 196 -17.53 14.44 3.53
N ASN A 197 -17.48 13.23 2.96
CA ASN A 197 -17.69 13.11 1.53
C ASN A 197 -18.82 12.24 1.02
N TYR A 198 -19.37 11.37 1.86
CA TYR A 198 -20.34 10.39 1.33
C TYR A 198 -21.51 11.07 0.61
N GLN A 199 -22.02 12.17 1.16
CA GLN A 199 -23.20 12.84 0.57
C GLN A 199 -22.90 13.34 -0.86
N ALA A 200 -21.84 14.15 -0.99
CA ALA A 200 -21.44 14.73 -2.27
C ALA A 200 -21.07 13.63 -3.28
N LEU A 201 -20.35 12.61 -2.82
CA LEU A 201 -19.96 11.52 -3.71
C LEU A 201 -21.19 10.82 -4.28
N LEU A 202 -22.16 10.51 -3.42
CA LEU A 202 -23.36 9.79 -3.85
C LEU A 202 -24.23 10.67 -4.76
N ALA A 203 -24.31 11.95 -4.44
CA ALA A 203 -25.10 12.92 -5.22
C ALA A 203 -24.61 13.10 -6.67
N LYS A 204 -23.30 12.94 -6.89
CA LYS A 204 -22.72 13.11 -8.22
C LYS A 204 -22.56 11.80 -9.01
N GLY A 205 -23.13 10.71 -8.50
CA GLY A 205 -23.11 9.44 -9.22
C GLY A 205 -21.92 8.55 -8.87
N SER A 206 -21.16 8.97 -7.87
CA SER A 206 -20.01 8.17 -7.39
C SER A 206 -20.36 7.54 -6.02
N GLY A 207 -19.35 7.37 -5.17
CA GLY A 207 -19.56 6.77 -3.86
C GLY A 207 -18.34 6.84 -2.98
N PRO A 208 -18.51 6.48 -1.69
CA PRO A 208 -17.35 6.48 -0.78
C PRO A 208 -16.54 5.21 -1.03
N TYR A 209 -15.37 5.37 -1.65
CA TYR A 209 -14.52 4.24 -2.06
C TYR A 209 -13.18 4.24 -1.35
N PHE A 210 -12.75 3.05 -0.95
CA PHE A 210 -11.53 2.90 -0.18
C PHE A 210 -10.60 1.87 -0.75
N TYR A 211 -9.30 2.04 -0.46
CA TYR A 211 -8.28 1.03 -0.70
C TYR A 211 -7.80 0.55 0.67
N LEU A 212 -7.75 -0.76 0.86
CA LEU A 212 -7.36 -1.31 2.16
C LEU A 212 -6.05 -2.07 1.99
N PRO A 213 -5.02 -1.67 2.75
CA PRO A 213 -3.71 -2.29 2.61
C PRO A 213 -3.36 -3.34 3.66
N LYS A 214 -2.39 -4.19 3.31
CA LYS A 214 -1.70 -5.06 4.26
C LYS A 214 -2.57 -6.05 5.10
N THR A 215 -3.78 -6.35 4.61
CA THR A 215 -4.65 -7.39 5.22
C THR A 215 -3.89 -8.72 5.30
N GLN A 216 -4.03 -9.39 6.43
CA GLN A 216 -3.43 -10.73 6.61
C GLN A 216 -4.44 -11.89 6.67
N SER A 217 -5.71 -11.62 7.05
CA SER A 217 -6.68 -12.71 7.28
C SER A 217 -8.10 -12.34 6.89
N TRP A 218 -8.92 -13.36 6.65
CA TRP A 218 -10.33 -13.11 6.39
C TRP A 218 -11.05 -12.46 7.58
N GLN A 219 -10.59 -12.75 8.82
CA GLN A 219 -11.19 -12.14 10.00
C GLN A 219 -10.97 -10.61 9.99
N GLU A 220 -9.85 -10.18 9.43
CA GLU A 220 -9.56 -8.74 9.29
C GLU A 220 -10.50 -8.14 8.25
N ALA A 221 -10.71 -8.85 7.14
CA ALA A 221 -11.76 -8.48 6.18
C ALA A 221 -13.14 -8.39 6.87
N ALA A 222 -13.49 -9.38 7.69
CA ALA A 222 -14.78 -9.36 8.41
C ALA A 222 -14.94 -8.09 9.28
N TRP A 223 -13.87 -7.73 9.97
CA TRP A 223 -13.88 -6.52 10.81
C TRP A 223 -14.17 -5.28 9.95
N TRP A 224 -13.50 -5.17 8.80
CA TRP A 224 -13.78 -4.07 7.86
C TRP A 224 -15.26 -4.05 7.42
N SER A 225 -15.81 -5.23 7.15
CA SER A 225 -17.23 -5.32 6.76
CA SER A 225 -17.22 -5.30 6.74
C SER A 225 -18.13 -4.77 7.86
N GLU A 226 -17.78 -5.03 9.12
CA GLU A 226 -18.56 -4.53 10.27
C GLU A 226 -18.44 -3.01 10.39
N VAL A 227 -17.22 -2.52 10.22
CA VAL A 227 -16.98 -1.08 10.24
C VAL A 227 -17.80 -0.37 9.17
N PHE A 228 -17.72 -0.90 7.94
CA PHE A 228 -18.47 -0.35 6.80
C PHE A 228 -19.98 -0.40 7.06
N SER A 229 -20.47 -1.54 7.54
CA SER A 229 -21.92 -1.73 7.76
C SER A 229 -22.40 -0.76 8.85
N TYR A 230 -21.57 -0.59 9.87
CA TYR A 230 -21.85 0.38 10.95
C TYR A 230 -21.97 1.81 10.39
N ALA A 231 -20.99 2.21 9.58
CA ALA A 231 -21.00 3.52 8.94
C ALA A 231 -22.24 3.69 8.04
N GLU A 232 -22.53 2.69 7.21
CA GLU A 232 -23.71 2.74 6.34
C GLU A 232 -25.00 2.89 7.15
N ASP A 233 -25.16 2.03 8.16
CA ASP A 233 -26.38 2.08 9.01
C ASP A 233 -26.55 3.44 9.71
N ARG A 234 -25.44 4.00 10.19
CA ARG A 234 -25.46 5.23 10.97
C ARG A 234 -26.11 6.37 10.15
N PHE A 235 -25.79 6.41 8.84
CA PHE A 235 -26.34 7.43 7.94
C PHE A 235 -27.42 6.90 6.99
N ASN A 236 -28.01 5.77 7.39
CA ASN A 236 -29.15 5.18 6.68
C ASN A 236 -28.86 4.92 5.19
N LEU A 237 -27.66 4.43 4.90
CA LEU A 237 -27.26 4.07 3.55
C LEU A 237 -27.54 2.58 3.29
N PRO A 238 -27.84 2.21 2.03
CA PRO A 238 -28.07 0.78 1.78
C PRO A 238 -26.79 -0.02 1.93
N ARG A 239 -26.92 -1.30 2.25
CA ARG A 239 -25.75 -2.15 2.42
C ARG A 239 -24.93 -2.16 1.13
N GLY A 240 -23.62 -1.97 1.23
CA GLY A 240 -22.80 -2.04 0.03
C GLY A 240 -22.61 -0.72 -0.67
N THR A 241 -23.03 0.37 -0.02
CA THR A 241 -22.75 1.70 -0.54
C THR A 241 -21.23 2.01 -0.52
N ILE A 242 -20.57 1.68 0.60
CA ILE A 242 -19.13 1.81 0.68
C ILE A 242 -18.50 0.68 -0.16
N LYS A 243 -17.58 1.02 -1.05
CA LYS A 243 -16.89 -0.01 -1.84
C LYS A 243 -15.40 0.02 -1.61
N ALA A 244 -14.83 -1.16 -1.37
CA ALA A 244 -13.39 -1.27 -1.07
C ALA A 244 -12.67 -2.16 -2.09
N THR A 245 -11.43 -1.80 -2.38
CA THR A 245 -10.51 -2.62 -3.17
C THR A 245 -9.38 -2.99 -2.20
N LEU A 246 -9.00 -4.27 -2.18
CA LEU A 246 -8.16 -4.74 -1.10
C LEU A 246 -6.87 -5.35 -1.66
N LEU A 247 -5.72 -4.80 -1.25
CA LEU A 247 -4.43 -5.27 -1.75
C LEU A 247 -4.13 -6.60 -1.11
N ILE A 248 -3.74 -7.59 -1.93
CA ILE A 248 -3.19 -8.84 -1.39
C ILE A 248 -1.68 -8.69 -1.42
N GLU A 249 -1.11 -8.24 -0.31
CA GLU A 249 0.30 -7.87 -0.32
C GLU A 249 0.96 -8.36 0.94
N THR A 250 0.39 -9.44 1.50
CA THR A 250 1.06 -10.19 2.58
C THR A 250 0.98 -11.67 2.22
N LEU A 251 1.98 -12.44 2.67
CA LEU A 251 1.96 -13.87 2.41
C LEU A 251 0.75 -14.62 3.01
N PRO A 252 0.41 -14.36 4.30
CA PRO A 252 -0.79 -15.04 4.86
C PRO A 252 -2.03 -14.79 4.01
N ALA A 253 -2.20 -13.56 3.49
CA ALA A 253 -3.41 -13.24 2.73
C ALA A 253 -3.56 -14.05 1.42
N VAL A 254 -2.45 -14.45 0.79
CA VAL A 254 -2.55 -15.18 -0.49
C VAL A 254 -3.26 -16.55 -0.33
N PHE A 255 -3.28 -17.06 0.91
CA PHE A 255 -3.99 -18.33 1.22
C PHE A 255 -5.43 -18.15 1.60
N GLN A 256 -5.91 -16.90 1.63
CA GLN A 256 -7.25 -16.59 2.13
C GLN A 256 -8.01 -15.61 1.22
N MET A 257 -7.63 -15.53 -0.06
CA MET A 257 -8.27 -14.59 -0.98
C MET A 257 -9.79 -14.81 -1.12
N ASP A 258 -10.20 -16.06 -1.26
CA ASP A 258 -11.63 -16.35 -1.44
C ASP A 258 -12.38 -16.01 -0.13
N GLU A 259 -11.79 -16.36 1.02
CA GLU A 259 -12.43 -16.05 2.33
C GLU A 259 -12.51 -14.54 2.57
N ILE A 260 -11.52 -13.82 2.07
CA ILE A 260 -11.51 -12.35 2.14
C ILE A 260 -12.62 -11.75 1.29
N LEU A 261 -12.71 -12.22 0.06
CA LEU A 261 -13.82 -11.81 -0.82
C LEU A 261 -15.17 -12.11 -0.16
N HIS A 262 -15.28 -13.28 0.48
CA HIS A 262 -16.56 -13.70 1.08
C HIS A 262 -16.90 -12.83 2.28
N ALA A 263 -15.88 -12.59 3.13
CA ALA A 263 -16.08 -11.85 4.37
C ALA A 263 -16.45 -10.40 4.07
N LEU A 264 -15.94 -9.88 2.96
CA LEU A 264 -16.19 -8.49 2.61
C LEU A 264 -17.15 -8.41 1.42
N ARG A 265 -17.96 -9.45 1.21
CA ARG A 265 -18.70 -9.56 -0.07
C ARG A 265 -19.64 -8.39 -0.38
N ASP A 266 -20.23 -7.80 0.67
CA ASP A 266 -21.14 -6.66 0.46
C ASP A 266 -20.42 -5.43 -0.11
N HIS A 267 -19.12 -5.30 0.18
CA HIS A 267 -18.41 -4.03 -0.03
C HIS A 267 -17.21 -4.15 -0.99
N ILE A 268 -16.68 -5.35 -1.14
CA ILE A 268 -15.46 -5.54 -1.91
C ILE A 268 -15.71 -5.51 -3.43
N VAL A 269 -14.78 -4.92 -4.19
CA VAL A 269 -14.92 -4.87 -5.65
C VAL A 269 -13.68 -5.33 -6.40
N GLY A 270 -12.63 -5.70 -5.66
CA GLY A 270 -11.42 -6.17 -6.33
C GLY A 270 -10.30 -6.43 -5.36
N LEU A 271 -9.32 -7.21 -5.81
CA LEU A 271 -8.02 -7.40 -5.11
C LEU A 271 -6.87 -6.95 -6.01
N ASN A 272 -5.71 -6.63 -5.42
CA ASN A 272 -4.52 -6.20 -6.19
C ASN A 272 -3.33 -7.10 -5.91
N CYS A 273 -2.54 -7.35 -6.96
CA CYS A 273 -1.16 -7.83 -6.82
C CYS A 273 -0.22 -6.66 -6.49
N GLY A 274 0.79 -6.98 -5.69
N GLY A 274 0.86 -6.94 -5.73
CA GLY A 274 1.87 -6.07 -5.43
CA GLY A 274 1.83 -5.89 -5.30
C GLY A 274 3.15 -6.85 -5.59
C GLY A 274 3.19 -6.33 -4.74
N ARG A 275 4.24 -6.13 -5.56
CA ARG A 275 5.54 -6.77 -5.50
C ARG A 275 6.28 -6.56 -4.17
N TRP A 276 6.57 -5.29 -3.86
CA TRP A 276 7.46 -5.04 -2.74
C TRP A 276 6.87 -5.44 -1.38
N ASP A 277 5.65 -5.01 -1.06
CA ASP A 277 5.03 -5.45 0.19
C ASP A 277 4.91 -6.96 0.27
N TYR A 278 4.58 -7.60 -0.86
CA TYR A 278 4.39 -9.05 -0.84
C TYR A 278 5.67 -9.80 -0.49
N ILE A 279 6.78 -9.43 -1.14
CA ILE A 279 8.04 -10.17 -0.87
C ILE A 279 8.67 -9.77 0.47
N PHE A 280 8.48 -8.52 0.87
CA PHE A 280 8.73 -8.07 2.27
C PHE A 280 8.02 -9.01 3.25
N SER A 281 6.72 -9.16 3.07
CA SER A 281 5.93 -10.10 3.89
C SER A 281 6.40 -11.55 3.80
N TYR A 282 6.76 -12.01 2.60
CA TYR A 282 7.29 -13.37 2.41
C TYR A 282 8.45 -13.61 3.40
N ILE A 283 9.40 -12.67 3.42
CA ILE A 283 10.59 -12.77 4.30
C ILE A 283 10.19 -12.69 5.78
N LYS A 284 9.34 -11.73 6.13
CA LYS A 284 8.89 -11.62 7.53
C LYS A 284 8.21 -12.91 7.98
N THR A 285 7.33 -13.42 7.11
CA THR A 285 6.53 -14.60 7.45
C THR A 285 7.43 -15.84 7.61
N LEU A 286 8.38 -15.98 6.70
CA LEU A 286 9.27 -17.14 6.65
C LEU A 286 10.65 -16.80 7.27
N LYS A 287 10.67 -15.85 8.20
CA LYS A 287 11.95 -15.26 8.69
C LYS A 287 12.87 -16.33 9.31
N ASN A 288 12.27 -17.36 9.89
CA ASN A 288 13.06 -18.35 10.65
C ASN A 288 13.43 -19.58 9.81
N TYR A 289 13.18 -19.51 8.49
CA TYR A 289 13.36 -20.67 7.60
C TYR A 289 14.65 -20.52 6.78
N PRO A 290 15.71 -21.30 7.13
CA PRO A 290 16.99 -21.18 6.38
C PRO A 290 16.90 -21.49 4.87
N ASP A 291 15.88 -22.25 4.49
CA ASP A 291 15.68 -22.63 3.09
C ASP A 291 14.74 -21.69 2.31
N ARG A 292 14.41 -20.56 2.92
CA ARG A 292 13.51 -19.62 2.27
C ARG A 292 14.14 -18.26 2.06
N VAL A 293 15.46 -18.22 1.88
CA VAL A 293 16.16 -16.96 1.69
C VAL A 293 16.00 -16.50 0.24
N LEU A 294 15.47 -15.29 0.04
CA LEU A 294 15.36 -14.76 -1.32
C LEU A 294 16.67 -14.09 -1.75
N PRO A 295 16.99 -14.17 -3.05
CA PRO A 295 18.16 -13.42 -3.57
C PRO A 295 17.89 -11.89 -3.68
N ASP A 296 18.77 -11.14 -4.35
CA ASP A 296 18.58 -9.69 -4.56
C ASP A 296 17.13 -9.40 -4.89
N ARG A 297 16.51 -8.53 -4.09
CA ARG A 297 15.12 -8.17 -4.30
C ARG A 297 14.91 -7.55 -5.70
N GLN A 298 15.95 -6.91 -6.23
CA GLN A 298 15.94 -6.39 -7.59
C GLN A 298 15.64 -7.47 -8.65
N ALA A 299 16.07 -8.71 -8.37
CA ALA A 299 15.93 -9.88 -9.25
C ALA A 299 14.68 -10.71 -8.96
N VAL A 300 13.98 -10.37 -7.88
CA VAL A 300 12.77 -11.09 -7.51
C VAL A 300 11.61 -10.42 -8.26
N THR A 301 11.46 -10.78 -9.52
CA THR A 301 10.52 -10.10 -10.42
C THR A 301 9.21 -10.88 -10.51
N MET A 302 8.14 -10.21 -10.93
CA MET A 302 6.80 -10.83 -10.95
C MET A 302 6.66 -12.07 -11.84
N ASP A 303 7.59 -12.26 -12.78
CA ASP A 303 7.57 -13.44 -13.64
C ASP A 303 8.19 -14.68 -12.99
N LYS A 304 8.81 -14.51 -11.81
CA LYS A 304 9.34 -15.69 -11.12
C LYS A 304 8.20 -16.67 -10.74
N PRO A 305 8.49 -17.99 -10.73
CA PRO A 305 7.40 -18.95 -10.58
C PRO A 305 6.45 -18.65 -9.41
N PHE A 306 6.98 -18.37 -8.22
CA PHE A 306 6.08 -18.15 -7.06
C PHE A 306 5.22 -16.90 -7.19
N LEU A 307 5.77 -15.88 -7.86
CA LEU A 307 5.01 -14.64 -8.04
C LEU A 307 4.01 -14.76 -9.19
N ASN A 308 4.37 -15.54 -10.22
CA ASN A 308 3.44 -15.79 -11.32
C ASN A 308 2.24 -16.63 -10.82
N ALA A 309 2.55 -17.61 -9.96
CA ALA A 309 1.49 -18.44 -9.35
C ALA A 309 0.52 -17.55 -8.54
N TYR A 310 1.08 -16.66 -7.73
CA TYR A 310 0.33 -15.65 -6.96
C TYR A 310 -0.58 -14.83 -7.86
N SER A 311 0.02 -14.27 -8.93
CA SER A 311 -0.72 -13.50 -9.93
C SER A 311 -1.90 -14.32 -10.51
N ARG A 312 -1.59 -15.53 -10.98
CA ARG A 312 -2.60 -16.36 -11.63
C ARG A 312 -3.74 -16.78 -10.67
N LEU A 313 -3.37 -17.05 -9.42
CA LEU A 313 -4.35 -17.47 -8.41
C LEU A 313 -5.28 -16.30 -8.07
N LEU A 314 -4.68 -15.11 -7.94
CA LEU A 314 -5.45 -13.93 -7.61
C LEU A 314 -6.47 -13.62 -8.74
N ILE A 315 -6.03 -13.63 -9.99
CA ILE A 315 -6.93 -13.37 -11.13
C ILE A 315 -8.08 -14.39 -11.18
N LYS A 316 -7.73 -15.67 -11.09
CA LYS A 316 -8.74 -16.75 -11.13
C LYS A 316 -9.77 -16.56 -9.99
N THR A 317 -9.27 -16.30 -8.79
CA THR A 317 -10.14 -16.16 -7.62
C THR A 317 -11.08 -14.96 -7.75
N CYS A 318 -10.51 -13.80 -8.08
CA CYS A 318 -11.33 -12.59 -8.26
C CYS A 318 -12.42 -12.79 -9.31
N HIS A 319 -12.03 -13.32 -10.47
CA HIS A 319 -13.01 -13.44 -11.56
C HIS A 319 -14.09 -14.48 -11.24
N LYS A 320 -13.75 -15.51 -10.45
CA LYS A 320 -14.73 -16.49 -9.99
C LYS A 320 -15.87 -15.81 -9.22
N ARG A 321 -15.52 -14.76 -8.49
CA ARG A 321 -16.45 -14.04 -7.60
C ARG A 321 -16.97 -12.72 -8.20
N GLY A 322 -16.61 -12.45 -9.46
CA GLY A 322 -17.01 -11.21 -10.14
C GLY A 322 -16.32 -9.95 -9.63
N ALA A 323 -15.13 -10.11 -9.02
CA ALA A 323 -14.35 -8.97 -8.53
C ALA A 323 -13.19 -8.67 -9.46
N PHE A 324 -12.76 -7.40 -9.47
CA PHE A 324 -11.56 -6.99 -10.20
C PHE A 324 -10.28 -7.62 -9.70
N ALA A 325 -9.33 -7.79 -10.61
CA ALA A 325 -8.00 -8.32 -10.28
C ALA A 325 -6.99 -7.34 -10.84
N MET A 326 -6.46 -6.49 -9.96
CA MET A 326 -5.61 -5.38 -10.41
C MET A 326 -4.15 -5.82 -10.42
N GLY A 327 -3.45 -5.38 -11.46
CA GLY A 327 -2.01 -5.64 -11.59
C GLY A 327 -1.20 -4.63 -10.81
N GLY A 328 0.10 -4.59 -11.05
CA GLY A 328 1.03 -3.90 -10.14
C GLY A 328 1.49 -2.54 -10.59
N MET A 329 2.58 -2.05 -9.98
CA MET A 329 3.00 -0.64 -10.10
C MET A 329 4.15 -0.42 -11.09
N ALA A 330 4.00 0.58 -11.98
CA ALA A 330 5.12 1.10 -12.78
C ALA A 330 5.39 2.52 -12.27
N ALA A 331 6.41 2.64 -11.42
CA ALA A 331 6.69 3.88 -10.67
C ALA A 331 7.74 4.81 -11.32
N PHE A 332 8.05 4.57 -12.60
CA PHE A 332 9.06 5.39 -13.30
C PHE A 332 8.65 6.85 -13.39
N ILE A 333 9.63 7.73 -13.25
CA ILE A 333 9.44 9.16 -13.47
C ILE A 333 10.17 9.55 -14.75
N PRO A 334 9.41 9.96 -15.81
CA PRO A 334 10.05 10.44 -17.06
C PRO A 334 11.11 11.52 -16.80
N SER A 335 12.20 11.51 -17.57
CA SER A 335 13.25 12.53 -17.43
C SER A 335 13.39 13.36 -18.72
N LYS A 336 14.39 14.23 -18.77
CA LYS A 336 14.72 15.00 -19.99
C LYS A 336 15.50 14.16 -21.03
N ASP A 337 16.05 13.04 -20.57
CA ASP A 337 16.79 12.10 -21.41
C ASP A 337 15.78 11.25 -22.21
N GLU A 338 15.53 11.65 -23.47
CA GLU A 338 14.55 10.94 -24.33
C GLU A 338 14.91 9.49 -24.57
N GLU A 339 16.22 9.20 -24.59
CA GLU A 339 16.74 7.85 -24.77
C GLU A 339 16.40 6.96 -23.57
N HIS A 340 16.71 7.45 -22.36
CA HIS A 340 16.26 6.80 -21.12
C HIS A 340 14.75 6.59 -21.15
N ASN A 341 14.01 7.62 -21.58
CA ASN A 341 12.54 7.54 -21.68
C ASN A 341 12.07 6.43 -22.61
N ASN A 342 12.74 6.27 -23.76
CA ASN A 342 12.38 5.19 -24.69
C ASN A 342 12.55 3.82 -24.03
N GLN A 343 13.68 3.63 -23.34
CA GLN A 343 13.94 2.37 -22.64
C GLN A 343 12.90 2.13 -21.54
N VAL A 344 12.55 3.18 -20.81
CA VAL A 344 11.53 3.08 -19.76
C VAL A 344 10.17 2.68 -20.35
N LEU A 345 9.76 3.38 -21.41
CA LEU A 345 8.47 3.10 -22.03
C LEU A 345 8.43 1.68 -22.61
N ASN A 346 9.54 1.20 -23.13
CA ASN A 346 9.60 -0.20 -23.61
C ASN A 346 9.39 -1.21 -22.49
N LYS A 347 9.98 -0.92 -21.33
CA LYS A 347 9.84 -1.77 -20.16
C LYS A 347 8.38 -1.76 -19.67
N VAL A 348 7.83 -0.56 -19.52
CA VAL A 348 6.41 -0.39 -19.15
C VAL A 348 5.46 -1.14 -20.07
N LYS A 349 5.66 -0.99 -21.38
CA LYS A 349 4.87 -1.73 -22.38
C LYS A 349 5.00 -3.25 -22.15
N ALA A 350 6.23 -3.74 -21.95
CA ALA A 350 6.42 -5.21 -21.77
C ALA A 350 5.70 -5.71 -20.53
N ASP A 351 5.87 -4.99 -19.41
CA ASP A 351 5.29 -5.39 -18.13
C ASP A 351 3.75 -5.30 -18.10
N LYS A 352 3.20 -4.18 -18.58
CA LYS A 352 1.73 -4.05 -18.65
C LYS A 352 1.09 -5.09 -19.60
N SER A 353 1.76 -5.38 -20.72
CA SER A 353 1.28 -6.41 -21.66
C SER A 353 1.20 -7.78 -20.98
N LEU A 354 2.21 -8.12 -20.18
CA LEU A 354 2.20 -9.35 -19.39
C LEU A 354 0.96 -9.42 -18.50
N GLU A 355 0.70 -8.32 -17.79
CA GLU A 355 -0.45 -8.26 -16.88
C GLU A 355 -1.78 -8.39 -17.63
N ALA A 356 -1.93 -7.57 -18.67
CA ALA A 356 -3.15 -7.63 -19.47
C ALA A 356 -3.37 -9.04 -20.05
N ASN A 357 -2.30 -9.64 -20.57
CA ASN A 357 -2.43 -10.98 -21.16
C ASN A 357 -2.81 -12.06 -20.14
N ASN A 358 -2.44 -11.83 -18.88
CA ASN A 358 -2.75 -12.74 -17.79
C ASN A 358 -4.21 -12.63 -17.34
N GLY A 359 -4.87 -11.54 -17.72
CA GLY A 359 -6.26 -11.32 -17.33
C GLY A 359 -6.54 -10.20 -16.35
N HIS A 360 -5.52 -9.42 -15.96
CA HIS A 360 -5.71 -8.31 -15.02
C HIS A 360 -6.65 -7.27 -15.63
N ASP A 361 -7.56 -6.73 -14.80
CA ASP A 361 -8.53 -5.74 -15.24
C ASP A 361 -7.97 -4.34 -15.35
N GLY A 362 -6.86 -4.12 -14.66
CA GLY A 362 -6.22 -2.80 -14.65
C GLY A 362 -4.85 -2.88 -14.03
N THR A 363 -4.23 -1.73 -13.90
CA THR A 363 -2.85 -1.65 -13.49
C THR A 363 -2.56 -0.28 -12.87
N TRP A 364 -1.37 -0.15 -12.28
CA TRP A 364 -0.96 1.07 -11.53
C TRP A 364 0.21 1.85 -12.13
N ILE A 365 0.13 3.18 -12.02
CA ILE A 365 1.25 4.08 -12.28
C ILE A 365 1.38 5.09 -11.15
N ALA A 366 2.55 5.71 -11.02
CA ALA A 366 2.79 6.73 -9.98
C ALA A 366 2.91 8.16 -10.54
N HIS A 367 3.08 8.29 -11.86
CA HIS A 367 3.36 9.58 -12.50
C HIS A 367 2.49 9.79 -13.73
N PRO A 368 1.88 10.99 -13.90
CA PRO A 368 0.95 11.16 -15.03
C PRO A 368 1.62 10.93 -16.38
N GLY A 369 2.95 11.03 -16.40
CA GLY A 369 3.73 10.89 -17.63
C GLY A 369 3.71 9.50 -18.20
N LEU A 370 3.26 8.51 -17.41
CA LEU A 370 3.11 7.13 -17.89
C LEU A 370 1.68 6.78 -18.30
N ALA A 371 0.74 7.69 -18.05
CA ALA A 371 -0.70 7.41 -18.25
C ALA A 371 -1.01 6.97 -19.67
N ASP A 372 -0.61 7.78 -20.66
CA ASP A 372 -1.01 7.49 -22.04
C ASP A 372 -0.46 6.15 -22.56
N THR A 373 0.76 5.82 -22.13
CA THR A 373 1.39 4.54 -22.48
C THR A 373 0.70 3.32 -21.85
N ALA A 374 0.49 3.39 -20.54
CA ALA A 374 -0.17 2.30 -19.82
C ALA A 374 -1.59 2.11 -20.36
N MET A 375 -2.30 3.23 -20.54
CA MET A 375 -3.66 3.21 -21.11
C MET A 375 -3.71 2.55 -22.49
N ALA A 376 -2.73 2.87 -23.35
CA ALA A 376 -2.67 2.30 -24.71
C ALA A 376 -2.51 0.77 -24.71
N VAL A 377 -1.64 0.25 -23.84
CA VAL A 377 -1.47 -1.21 -23.69
C VAL A 377 -2.83 -1.87 -23.34
N PHE A 378 -3.47 -1.37 -22.30
CA PHE A 378 -4.80 -1.89 -21.91
C PHE A 378 -5.92 -1.65 -22.93
N ASN A 379 -5.98 -0.44 -23.51
CA ASN A 379 -6.91 -0.17 -24.62
C ASN A 379 -6.76 -1.20 -25.74
N ASP A 380 -5.52 -1.47 -26.13
CA ASP A 380 -5.23 -2.39 -27.25
C ASP A 380 -5.72 -3.82 -26.96
N ILE A 381 -5.40 -4.32 -25.77
CA ILE A 381 -5.71 -5.69 -25.40
C ILE A 381 -7.19 -5.86 -25.03
N LEU A 382 -7.78 -4.84 -24.40
CA LEU A 382 -9.19 -4.91 -24.00
C LEU A 382 -10.12 -4.83 -25.22
N GLY A 383 -9.68 -4.13 -26.26
CA GLY A 383 -10.53 -3.90 -27.43
C GLY A 383 -11.67 -3.00 -27.03
N SER A 384 -12.89 -3.51 -27.13
CA SER A 384 -14.07 -2.75 -26.73
C SER A 384 -14.53 -3.11 -25.30
N ARG A 385 -13.89 -4.11 -24.69
CA ARG A 385 -14.24 -4.50 -23.32
C ARG A 385 -13.88 -3.41 -22.31
N LYS A 386 -14.69 -3.31 -21.24
CA LYS A 386 -14.39 -2.39 -20.13
C LYS A 386 -13.36 -2.99 -19.17
N ASN A 387 -13.36 -4.32 -19.06
CA ASN A 387 -12.54 -5.03 -18.10
C ASN A 387 -12.40 -6.48 -18.57
N GLN A 388 -11.70 -7.31 -17.79
CA GLN A 388 -11.52 -8.73 -18.14
C GLN A 388 -12.23 -9.68 -17.17
N LEU A 389 -13.38 -9.27 -16.66
CA LEU A 389 -14.11 -10.12 -15.68
C LEU A 389 -14.43 -11.51 -16.20
N GLU A 390 -14.55 -11.63 -17.52
CA GLU A 390 -14.89 -12.92 -18.13
C GLU A 390 -13.72 -13.91 -18.23
N VAL A 391 -12.49 -13.44 -17.99
CA VAL A 391 -11.28 -14.28 -18.13
C VAL A 391 -11.12 -15.15 -16.87
N MET A 392 -11.57 -16.41 -16.97
CA MET A 392 -11.71 -17.28 -15.79
CA MET A 392 -11.70 -17.27 -15.77
C MET A 392 -10.44 -18.05 -15.44
N ARG A 393 -9.53 -18.15 -16.42
CA ARG A 393 -8.27 -18.93 -16.29
C ARG A 393 -8.59 -20.42 -15.97
N GLU A 394 -9.69 -20.91 -16.54
CA GLU A 394 -10.16 -22.28 -16.23
C GLU A 394 -9.19 -23.34 -16.72
N GLN A 395 -8.29 -22.97 -17.62
CA GLN A 395 -7.32 -23.91 -18.21
C GLN A 395 -6.15 -24.16 -17.24
N ASP A 396 -5.97 -23.27 -16.28
CA ASP A 396 -4.88 -23.38 -15.31
C ASP A 396 -5.03 -24.62 -14.43
N ALA A 397 -3.94 -25.35 -14.23
CA ALA A 397 -3.92 -26.39 -13.19
C ALA A 397 -4.09 -25.76 -11.78
N PRO A 398 -4.42 -26.59 -10.76
CA PRO A 398 -4.49 -26.02 -9.41
C PRO A 398 -3.18 -25.35 -9.03
N ILE A 399 -3.29 -24.36 -8.15
CA ILE A 399 -2.12 -23.68 -7.63
C ILE A 399 -1.97 -24.10 -6.16
N THR A 400 -0.78 -24.55 -5.79
CA THR A 400 -0.54 -25.13 -4.47
C THR A 400 0.30 -24.25 -3.55
N ALA A 401 0.22 -24.54 -2.25
CA ALA A 401 1.07 -23.86 -1.29
C ALA A 401 2.54 -24.03 -1.64
N ASP A 402 2.97 -25.23 -2.05
CA ASP A 402 4.37 -25.44 -2.44
C ASP A 402 4.80 -24.43 -3.50
N GLN A 403 3.93 -24.26 -4.50
CA GLN A 403 4.23 -23.36 -5.61
C GLN A 403 4.34 -21.90 -5.12
N LEU A 404 3.38 -21.49 -4.29
CA LEU A 404 3.34 -20.12 -3.80
C LEU A 404 4.51 -19.79 -2.87
N LEU A 405 5.08 -20.84 -2.26
CA LEU A 405 6.11 -20.64 -1.23
C LEU A 405 7.54 -20.84 -1.73
N ALA A 406 7.67 -21.29 -2.99
CA ALA A 406 8.97 -21.69 -3.52
C ALA A 406 9.87 -20.47 -3.74
N PRO A 407 11.02 -20.37 -3.03
CA PRO A 407 11.90 -19.22 -3.27
C PRO A 407 12.49 -19.28 -4.69
N CYS A 408 12.59 -18.13 -5.35
CA CYS A 408 13.09 -18.11 -6.73
C CYS A 408 14.62 -18.16 -6.77
N ASP A 409 15.14 -18.54 -7.95
CA ASP A 409 16.57 -18.53 -8.23
C ASP A 409 17.12 -17.12 -8.28
N GLY A 410 18.43 -16.99 -8.03
CA GLY A 410 19.08 -15.70 -8.17
C GLY A 410 20.28 -15.61 -7.24
N GLU A 411 20.97 -14.48 -7.33
CA GLU A 411 22.18 -14.26 -6.56
C GLU A 411 21.93 -13.19 -5.49
N ARG A 412 22.64 -13.33 -4.38
CA ARG A 412 22.73 -12.28 -3.36
C ARG A 412 24.02 -11.51 -3.65
N THR A 413 23.91 -10.30 -4.17
CA THR A 413 25.11 -9.59 -4.65
C THR A 413 25.47 -8.35 -3.83
N GLU A 414 26.77 -8.09 -3.75
CA GLU A 414 27.24 -6.86 -3.10
C GLU A 414 26.64 -5.59 -3.70
N GLU A 415 26.57 -5.53 -5.03
CA GLU A 415 26.00 -4.39 -5.74
C GLU A 415 24.54 -4.23 -5.31
N GLY A 416 23.84 -5.35 -5.23
CA GLY A 416 22.44 -5.35 -4.77
C GLY A 416 22.30 -4.83 -3.36
N MET A 417 23.14 -5.34 -2.46
CA MET A 417 23.13 -4.90 -1.06
C MET A 417 23.40 -3.40 -0.91
N ARG A 418 24.45 -2.92 -1.59
CA ARG A 418 24.78 -1.51 -1.54
C ARG A 418 23.65 -0.62 -2.04
N ALA A 419 23.03 -1.03 -3.14
CA ALA A 419 21.92 -0.29 -3.72
C ALA A 419 20.74 -0.24 -2.73
N ASN A 420 20.46 -1.37 -2.08
CA ASN A 420 19.42 -1.43 -1.04
C ASN A 420 19.66 -0.42 0.07
N ILE A 421 20.92 -0.31 0.49
CA ILE A 421 21.32 0.67 1.50
C ILE A 421 21.09 2.09 0.99
N ARG A 422 21.59 2.42 -0.20
CA ARG A 422 21.41 3.78 -0.74
C ARG A 422 19.92 4.19 -0.90
N VAL A 423 19.11 3.27 -1.41
CA VAL A 423 17.70 3.59 -1.67
C VAL A 423 16.96 3.74 -0.34
N ALA A 424 17.14 2.79 0.57
CA ALA A 424 16.46 2.80 1.85
C ALA A 424 16.86 4.01 2.70
N VAL A 425 18.15 4.33 2.74
CA VAL A 425 18.58 5.52 3.49
C VAL A 425 17.93 6.80 2.93
N GLN A 426 17.95 6.96 1.60
CA GLN A 426 17.39 8.15 0.96
C GLN A 426 15.86 8.23 1.15
N TYR A 427 15.19 7.08 1.09
CA TYR A 427 13.77 7.02 1.40
C TYR A 427 13.50 7.50 2.83
N ILE A 428 14.21 6.91 3.79
CA ILE A 428 14.05 7.22 5.22
C ILE A 428 14.34 8.71 5.50
N GLU A 429 15.41 9.24 4.90
CA GLU A 429 15.76 10.66 5.09
C GLU A 429 14.60 11.57 4.72
N ALA A 430 13.95 11.27 3.59
CA ALA A 430 12.79 12.03 3.15
C ALA A 430 11.57 11.84 4.05
N TRP A 431 11.31 10.59 4.43
CA TRP A 431 10.17 10.23 5.27
C TRP A 431 10.21 10.98 6.61
N ILE A 432 11.38 10.94 7.26
CA ILE A 432 11.55 11.63 8.57
C ILE A 432 11.45 13.15 8.43
N SER A 433 11.75 13.65 7.23
CA SER A 433 11.57 15.06 6.84
C SER A 433 10.14 15.39 6.39
N GLY A 434 9.23 14.41 6.46
CA GLY A 434 7.82 14.61 6.15
C GLY A 434 7.35 14.24 4.75
N ASN A 435 8.24 13.66 3.95
CA ASN A 435 7.89 13.24 2.57
C ASN A 435 8.00 11.72 2.37
N GLY A 436 6.86 11.04 2.24
CA GLY A 436 6.88 9.58 2.10
C GLY A 436 6.74 9.09 0.66
N CYS A 437 6.74 10.03 -0.28
CA CYS A 437 6.65 9.72 -1.71
C CYS A 437 7.86 10.33 -2.38
N VAL A 438 8.87 9.51 -2.66
CA VAL A 438 10.24 10.03 -2.82
C VAL A 438 10.88 9.67 -4.17
N PRO A 439 11.15 10.67 -5.03
CA PRO A 439 11.90 10.37 -6.25
C PRO A 439 13.32 9.93 -5.90
N ILE A 440 13.69 8.69 -6.24
CA ILE A 440 15.03 8.18 -6.01
C ILE A 440 15.43 7.39 -7.26
N TYR A 441 16.53 7.81 -7.88
CA TYR A 441 17.05 7.18 -9.11
C TYR A 441 15.97 6.95 -10.19
N GLY A 442 15.11 7.93 -10.39
CA GLY A 442 14.14 7.87 -11.49
C GLY A 442 12.88 7.08 -11.13
N LEU A 443 12.78 6.65 -9.88
CA LEU A 443 11.57 5.93 -9.40
C LEU A 443 10.87 6.66 -8.28
N MET A 444 9.54 6.66 -8.32
CA MET A 444 8.78 7.24 -7.20
C MET A 444 8.59 6.16 -6.16
N GLU A 445 9.41 6.23 -5.12
CA GLU A 445 9.48 5.17 -4.10
C GLU A 445 8.57 5.46 -2.90
N ASP A 446 7.90 4.41 -2.42
CA ASP A 446 7.19 4.48 -1.13
C ASP A 446 7.82 3.54 -0.08
N ALA A 447 7.19 3.48 1.11
CA ALA A 447 7.80 2.81 2.26
C ALA A 447 8.14 1.34 2.01
N ALA A 448 7.35 0.67 1.17
CA ALA A 448 7.59 -0.76 0.86
C ALA A 448 8.98 -1.01 0.30
N THR A 449 9.50 -0.06 -0.48
CA THR A 449 10.84 -0.21 -1.05
C THR A 449 11.88 -0.23 0.06
N ALA A 450 11.75 0.70 1.03
CA ALA A 450 12.65 0.71 2.18
C ALA A 450 12.51 -0.58 2.98
N GLU A 451 11.26 -1.05 3.10
CA GLU A 451 10.97 -2.27 3.85
C GLU A 451 11.66 -3.49 3.28
N ILE A 452 11.47 -3.76 1.99
CA ILE A 452 12.12 -4.94 1.40
C ILE A 452 13.66 -4.80 1.48
N SER A 453 14.17 -3.59 1.28
CA SER A 453 15.63 -3.34 1.33
C SER A 453 16.25 -3.74 2.68
N ARG A 454 15.65 -3.27 3.77
CA ARG A 454 16.17 -3.56 5.12
C ARG A 454 15.89 -5.01 5.53
N THR A 455 14.75 -5.53 5.11
CA THR A 455 14.31 -6.87 5.50
C THR A 455 15.15 -7.96 4.81
N SER A 456 15.50 -7.75 3.55
CA SER A 456 16.36 -8.70 2.82
C SER A 456 17.73 -8.78 3.51
N ILE A 457 18.29 -7.62 3.85
CA ILE A 457 19.60 -7.60 4.51
C ILE A 457 19.50 -8.34 5.85
N TRP A 458 18.46 -8.01 6.64
CA TRP A 458 18.24 -8.71 7.90
C TRP A 458 18.22 -10.23 7.72
N GLN A 459 17.51 -10.69 6.68
CA GLN A 459 17.42 -12.12 6.38
C GLN A 459 18.80 -12.78 6.15
N TRP A 460 19.64 -12.11 5.36
CA TRP A 460 20.97 -12.62 5.02
C TRP A 460 21.86 -12.68 6.28
N ILE A 461 21.74 -11.67 7.13
CA ILE A 461 22.49 -11.64 8.40
C ILE A 461 22.00 -12.77 9.30
N HIS A 462 20.69 -12.86 9.47
CA HIS A 462 20.10 -13.85 10.36
C HIS A 462 20.56 -15.27 10.04
N HIS A 463 20.55 -15.61 8.75
CA HIS A 463 20.83 -16.98 8.30
C HIS A 463 22.30 -17.13 7.89
N GLN A 464 23.09 -16.11 8.21
CA GLN A 464 24.54 -16.12 8.01
C GLN A 464 24.89 -16.53 6.58
N LYS A 465 24.30 -15.84 5.62
CA LYS A 465 24.49 -16.17 4.21
C LYS A 465 25.66 -15.42 3.62
N THR A 466 26.29 -16.00 2.60
CA THR A 466 27.33 -15.29 1.85
C THR A 466 26.77 -14.51 0.66
N LEU A 467 27.48 -13.43 0.30
CA LEU A 467 27.23 -12.78 -0.98
C LEU A 467 27.86 -13.64 -2.06
N SER A 468 27.53 -13.36 -3.31
CA SER A 468 28.02 -14.21 -4.42
C SER A 468 29.53 -14.11 -4.60
N ASN A 469 30.14 -13.06 -4.07
CA ASN A 469 31.61 -12.92 -4.08
C ASN A 469 32.28 -13.64 -2.88
N GLY A 470 31.48 -14.33 -2.07
CA GLY A 470 32.00 -15.10 -0.94
C GLY A 470 32.00 -14.41 0.43
N LYS A 471 31.71 -13.10 0.46
CA LYS A 471 31.72 -12.34 1.72
C LYS A 471 30.55 -12.76 2.65
N PRO A 472 30.86 -13.25 3.88
CA PRO A 472 29.78 -13.54 4.82
C PRO A 472 29.02 -12.27 5.20
N VAL A 473 27.69 -12.28 5.04
CA VAL A 473 26.90 -11.12 5.46
C VAL A 473 26.76 -11.14 6.98
N THR A 474 27.19 -10.02 7.57
CA THR A 474 27.22 -9.82 9.02
C THR A 474 26.74 -8.41 9.35
N LYS A 475 26.39 -8.18 10.62
CA LYS A 475 26.11 -6.82 11.07
C LYS A 475 27.32 -5.90 10.81
N ALA A 476 28.53 -6.39 11.11
CA ALA A 476 29.74 -5.61 10.86
C ALA A 476 29.90 -5.24 9.39
N LEU A 477 29.64 -6.18 8.48
CA LEU A 477 29.72 -5.88 7.04
C LEU A 477 28.71 -4.81 6.66
N PHE A 478 27.48 -4.97 7.14
CA PHE A 478 26.44 -3.98 6.88
C PHE A 478 26.88 -2.59 7.35
N ARG A 479 27.37 -2.49 8.58
CA ARG A 479 27.78 -1.20 9.13
C ARG A 479 28.93 -0.57 8.32
N GLN A 480 29.90 -1.38 7.93
CA GLN A 480 30.96 -0.94 7.03
C GLN A 480 30.38 -0.37 5.73
N MET A 481 29.51 -1.15 5.08
CA MET A 481 28.86 -0.72 3.83
C MET A 481 28.02 0.54 3.98
N LEU A 482 27.28 0.63 5.08
CA LEU A 482 26.48 1.82 5.37
C LEU A 482 27.31 3.10 5.31
N GLY A 483 28.40 3.12 6.06
CA GLY A 483 29.33 4.27 6.06
C GLY A 483 29.86 4.59 4.68
N GLU A 484 30.25 3.56 3.94
CA GLU A 484 30.72 3.72 2.56
C GLU A 484 29.64 4.30 1.65
N GLU A 485 28.43 3.72 1.70
CA GLU A 485 27.35 4.22 0.85
C GLU A 485 26.85 5.63 1.22
N MET A 486 27.02 6.04 2.49
CA MET A 486 26.69 7.43 2.87
C MET A 486 27.55 8.44 2.09
N LYS A 487 28.82 8.09 1.90
CA LYS A 487 29.75 8.90 1.11
C LYS A 487 29.31 8.96 -0.36
N VAL A 488 28.81 7.85 -0.89
CA VAL A 488 28.26 7.81 -2.26
C VAL A 488 27.05 8.74 -2.39
N ILE A 489 26.12 8.64 -1.45
CA ILE A 489 24.97 9.53 -1.45
C ILE A 489 25.39 11.01 -1.43
N ALA A 490 26.34 11.34 -0.55
CA ALA A 490 26.88 12.70 -0.44
C ALA A 490 27.43 13.22 -1.77
N SER A 491 28.18 12.38 -2.47
CA SER A 491 28.74 12.74 -3.76
C SER A 491 27.65 12.96 -4.81
N GLU A 492 26.61 12.13 -4.78
CA GLU A 492 25.53 12.20 -5.75
C GLU A 492 24.66 13.44 -5.57
N LEU A 493 24.33 13.77 -4.33
CA LEU A 493 23.45 14.90 -4.03
C LEU A 493 24.18 16.23 -3.98
N GLY A 494 25.48 16.20 -3.71
CA GLY A 494 26.28 17.42 -3.54
C GLY A 494 26.23 17.89 -2.10
N GLU A 495 27.22 18.71 -1.72
CA GLU A 495 27.47 19.08 -0.33
C GLU A 495 26.32 19.88 0.30
N GLU A 496 25.74 20.81 -0.46
CA GLU A 496 24.60 21.60 0.01
C GLU A 496 23.40 20.75 0.42
N ARG A 497 22.81 20.05 -0.56
CA ARG A 497 21.66 19.16 -0.32
C ARG A 497 21.92 18.16 0.82
N PHE A 498 23.10 17.55 0.82
CA PHE A 498 23.44 16.58 1.86
C PHE A 498 23.50 17.23 3.23
N SER A 499 24.08 18.43 3.31
CA SER A 499 24.17 19.16 4.58
C SER A 499 22.81 19.69 5.02
N GLN A 500 21.94 20.03 4.07
CA GLN A 500 20.60 20.54 4.39
C GLN A 500 19.62 19.41 4.75
N GLY A 501 20.08 18.16 4.66
CA GLY A 501 19.22 16.98 4.85
C GLY A 501 19.31 16.34 6.22
N ARG A 502 18.66 15.20 6.39
CA ARG A 502 18.64 14.50 7.68
C ARG A 502 19.26 13.10 7.52
N PHE A 503 20.38 13.06 6.80
CA PHE A 503 21.01 11.80 6.46
C PHE A 503 21.65 11.04 7.62
N ASP A 504 22.18 11.76 8.61
CA ASP A 504 22.74 11.09 9.76
CA ASP A 504 22.73 11.14 9.82
C ASP A 504 21.64 10.39 10.57
N ASP A 505 20.51 11.08 10.77
CA ASP A 505 19.38 10.51 11.48
C ASP A 505 18.79 9.31 10.72
N ALA A 506 18.77 9.41 9.39
CA ALA A 506 18.27 8.33 8.53
C ALA A 506 19.15 7.08 8.58
N ALA A 507 20.47 7.28 8.55
CA ALA A 507 21.43 6.18 8.65
C ALA A 507 21.30 5.48 9.99
N ARG A 508 21.05 6.25 11.05
CA ARG A 508 20.86 5.68 12.38
C ARG A 508 19.62 4.80 12.46
N LEU A 509 18.51 5.29 11.91
CA LEU A 509 17.29 4.47 11.88
C LEU A 509 17.48 3.19 11.03
N MET A 510 18.10 3.34 9.87
CA MET A 510 18.46 2.19 9.03
C MET A 510 19.27 1.12 9.79
N GLU A 511 20.30 1.57 10.47
CA GLU A 511 21.12 0.63 11.24
C GLU A 511 20.29 -0.06 12.32
N GLN A 512 19.47 0.74 13.00
CA GLN A 512 18.63 0.25 14.09
CA GLN A 512 18.61 0.25 14.08
C GLN A 512 17.69 -0.87 13.61
N ILE A 513 17.01 -0.64 12.49
CA ILE A 513 16.03 -1.61 11.96
C ILE A 513 16.65 -2.81 11.23
N THR A 514 17.90 -2.67 10.82
CA THR A 514 18.56 -3.72 10.04
C THR A 514 19.40 -4.67 10.93
N THR A 515 20.07 -4.12 11.94
CA THR A 515 21.00 -4.90 12.78
C THR A 515 20.42 -5.46 14.09
N SER A 516 19.13 -5.24 14.34
CA SER A 516 18.51 -5.81 15.53
C SER A 516 18.39 -7.33 15.39
N ASP A 517 18.49 -8.04 16.50
CA ASP A 517 18.34 -9.49 16.50
C ASP A 517 16.95 -9.87 16.00
N GLU A 518 15.92 -9.23 16.52
N GLU A 518 15.95 -9.19 16.54
CA GLU A 518 14.55 -9.52 16.11
CA GLU A 518 14.54 -9.32 16.14
C GLU A 518 14.16 -8.69 14.89
C GLU A 518 14.31 -8.72 14.75
N LEU A 519 13.44 -9.33 13.96
CA LEU A 519 13.00 -8.67 12.74
C LEU A 519 11.75 -7.89 13.11
N ILE A 520 11.85 -6.55 13.19
CA ILE A 520 10.67 -5.73 13.51
C ILE A 520 9.66 -5.77 12.35
N ASP A 521 8.38 -5.63 12.66
CA ASP A 521 7.33 -5.78 11.66
C ASP A 521 7.37 -4.66 10.63
N PHE A 522 7.52 -3.42 11.07
CA PHE A 522 7.36 -2.27 10.19
C PHE A 522 8.29 -1.16 10.64
N LEU A 523 8.99 -0.54 9.69
CA LEU A 523 9.91 0.57 10.04
C LEU A 523 9.16 1.86 10.40
N THR A 524 7.92 1.94 9.95
CA THR A 524 7.07 3.09 10.20
C THR A 524 6.71 3.22 11.69
N LEU A 525 6.82 2.13 12.46
CA LEU A 525 6.52 2.18 13.88
C LEU A 525 7.60 2.96 14.67
N PRO A 526 8.88 2.52 14.61
CA PRO A 526 9.94 3.38 15.22
C PRO A 526 10.04 4.74 14.53
N GLY A 527 9.86 4.78 13.21
CA GLY A 527 9.95 6.02 12.45
C GLY A 527 8.95 7.08 12.92
N TYR A 528 7.72 6.63 13.24
CA TYR A 528 6.63 7.53 13.61
C TYR A 528 6.97 8.29 14.90
N ARG A 529 7.83 7.70 15.73
CA ARG A 529 8.31 8.39 16.93
C ARG A 529 9.08 9.69 16.61
N LEU A 530 9.64 9.78 15.40
CA LEU A 530 10.44 10.94 14.99
C LEU A 530 9.58 12.10 14.43
N LEU A 531 8.28 11.84 14.29
CA LEU A 531 7.36 12.83 13.77
C LEU A 531 6.63 13.53 14.94
N ALA A 532 6.27 14.80 14.75
CA ALA A 532 5.61 15.58 15.81
C ALA A 532 4.31 14.94 16.27
#